data_1Z9P
#
_entry.id   1Z9P
#
_cell.length_a   71.410
_cell.length_b   63.990
_cell.length_c   73.970
_cell.angle_alpha   90.00
_cell.angle_beta   118.04
_cell.angle_gamma   90.00
#
_symmetry.space_group_name_H-M   'C 1 2 1'
#
loop_
_entity.id
_entity.type
_entity.pdbx_description
1 polymer 'Superoxide dismutase [Cu-Zn]'
2 non-polymer 'COPPER (II) ION'
3 non-polymer 'ZINC ION'
4 water water
#
_entity_poly.entity_id   1
_entity_poly.type   'polypeptide(L)'
_entity_poly.pdbx_seq_one_letter_code
;EKIVVPVQQLDPQNGNKDVGTVEITESAYGLVFTPKLHDLAHGLHGFHIHEKPSCEPKEKDGKLVAGLGAGGHWDPKQTQ
KHGYPWSDDAHMGDLPALFVMHDGSATTPVLAPRLKKLAEVKGHSLMIHAGGDNHSDHPAPLGGGGPRMACGVIK
;
_entity_poly.pdbx_strand_id   A,B
#
# COMPACT_ATOMS: atom_id res chain seq x y z
N GLU A 1 12.78 -1.86 -17.90
CA GLU A 1 13.16 -3.24 -17.45
C GLU A 1 12.87 -3.51 -15.97
N LYS A 2 12.88 -4.78 -15.63
CA LYS A 2 12.49 -5.26 -14.31
C LYS A 2 13.41 -6.35 -13.79
N ILE A 3 13.68 -6.33 -12.49
CA ILE A 3 14.26 -7.48 -11.85
C ILE A 3 13.13 -8.45 -11.55
N VAL A 4 13.26 -9.70 -11.94
CA VAL A 4 12.29 -10.71 -11.66
C VAL A 4 12.79 -11.53 -10.51
N VAL A 5 12.18 -11.42 -9.34
CA VAL A 5 12.57 -12.19 -8.18
C VAL A 5 11.69 -13.40 -8.03
N PRO A 6 12.19 -14.64 -8.17
CA PRO A 6 11.39 -15.81 -7.89
C PRO A 6 11.18 -15.94 -6.38
N VAL A 7 9.96 -16.20 -5.97
CA VAL A 7 9.67 -16.29 -4.56
C VAL A 7 9.11 -17.66 -4.24
N GLN A 8 9.52 -18.23 -3.11
CA GLN A 8 8.98 -19.48 -2.61
C GLN A 8 8.36 -19.33 -1.22
N GLN A 9 7.30 -20.10 -0.99
CA GLN A 9 6.82 -20.32 0.35
C GLN A 9 7.76 -21.24 1.06
N LEU A 10 8.13 -20.90 2.28
CA LEU A 10 9.19 -21.59 3.00
C LEU A 10 8.66 -22.74 3.83
N ASP A 11 9.28 -23.91 3.64
CA ASP A 11 9.05 -25.08 4.44
C ASP A 11 10.38 -25.87 4.55
N PRO A 12 11.09 -25.65 5.65
CA PRO A 12 12.44 -26.24 5.81
C PRO A 12 12.45 -27.75 5.87
N GLN A 13 11.32 -28.33 6.27
CA GLN A 13 11.20 -29.76 6.45
C GLN A 13 10.94 -30.47 5.13
N ASN A 14 9.95 -29.97 4.38
CA ASN A 14 9.42 -30.62 3.17
C ASN A 14 9.87 -29.96 1.87
N GLY A 15 10.49 -28.80 1.98
CA GLY A 15 11.00 -28.10 0.82
C GLY A 15 10.09 -26.96 0.46
N ASN A 16 10.73 -25.87 0.03
CA ASN A 16 10.02 -24.71 -0.44
C ASN A 16 9.07 -25.07 -1.58
N LYS A 17 8.05 -24.24 -1.73
CA LYS A 17 7.13 -24.34 -2.85
C LYS A 17 7.12 -23.03 -3.64
N ASP A 18 7.20 -23.10 -4.95
CA ASP A 18 7.11 -21.90 -5.77
C ASP A 18 5.77 -21.20 -5.55
N VAL A 19 5.80 -19.89 -5.36
CA VAL A 19 4.56 -19.09 -5.31
C VAL A 19 4.55 -17.92 -6.29
N GLY A 20 5.42 -17.90 -7.30
CA GLY A 20 5.44 -16.86 -8.30
C GLY A 20 6.63 -15.91 -8.20
N THR A 21 6.44 -14.66 -8.62
CA THR A 21 7.51 -13.71 -8.66
C THR A 21 7.09 -12.35 -8.10
N VAL A 22 8.09 -11.53 -7.79
CA VAL A 22 7.90 -10.11 -7.59
C VAL A 22 8.82 -9.41 -8.59
N GLU A 23 8.25 -8.48 -9.30
CA GLU A 23 8.96 -7.65 -10.28
C GLU A 23 9.36 -6.32 -9.67
N ILE A 24 10.62 -5.88 -9.81
CA ILE A 24 11.07 -4.62 -9.30
C ILE A 24 11.41 -3.73 -10.47
N THR A 25 10.81 -2.56 -10.54
CA THR A 25 11.08 -1.54 -11.56
C THR A 25 11.42 -0.22 -10.95
N GLU A 26 12.03 0.67 -11.75
CA GLU A 26 12.36 2.02 -11.34
C GLU A 26 11.26 2.96 -11.81
N SER A 27 10.73 3.76 -10.90
CA SER A 27 9.85 4.84 -11.23
C SER A 27 10.54 6.16 -10.94
N ALA A 28 9.92 7.27 -11.32
CA ALA A 28 10.51 8.59 -11.02
C ALA A 28 10.50 8.92 -9.54
N TYR A 29 9.82 8.07 -8.73
CA TYR A 29 9.65 8.29 -7.30
C TYR A 29 10.21 7.15 -6.46
N GLY A 30 10.97 6.26 -7.06
CA GLY A 30 11.57 5.15 -6.36
C GLY A 30 11.23 3.81 -6.94
N LEU A 31 11.72 2.74 -6.29
CA LEU A 31 11.51 1.38 -6.79
C LEU A 31 10.09 0.91 -6.50
N VAL A 32 9.47 0.30 -7.51
CA VAL A 32 8.13 -0.27 -7.43
C VAL A 32 8.29 -1.78 -7.36
N PHE A 33 7.59 -2.42 -6.43
CA PHE A 33 7.56 -3.83 -6.24
C PHE A 33 6.21 -4.34 -6.64
N THR A 34 6.11 -5.03 -7.76
CA THR A 34 4.85 -5.50 -8.32
C THR A 34 4.77 -6.99 -8.16
N PRO A 35 4.00 -7.52 -7.23
CA PRO A 35 3.91 -8.94 -7.02
C PRO A 35 3.12 -9.64 -8.12
N LYS A 36 3.50 -10.91 -8.40
CA LYS A 36 2.72 -11.83 -9.24
C LYS A 36 2.77 -13.17 -8.50
N LEU A 37 2.10 -13.23 -7.34
CA LEU A 37 2.19 -14.37 -6.43
C LEU A 37 0.87 -15.09 -6.35
N HIS A 38 0.94 -16.36 -5.95
CA HIS A 38 -0.22 -17.23 -5.85
C HIS A 38 -0.05 -18.14 -4.65
N ASP A 39 -1.18 -18.66 -4.16
CA ASP A 39 -1.20 -19.71 -3.16
C ASP A 39 -0.66 -19.26 -1.81
N LEU A 40 -0.80 -17.98 -1.51
CA LEU A 40 -0.40 -17.47 -0.22
C LEU A 40 -1.58 -17.21 0.71
N ALA A 41 -1.26 -17.11 2.00
CA ALA A 41 -2.28 -16.85 3.00
C ALA A 41 -2.84 -15.42 2.85
N HIS A 42 -4.17 -15.31 2.79
CA HIS A 42 -4.89 -14.05 2.61
C HIS A 42 -4.56 -13.08 3.74
N GLY A 43 -4.49 -11.79 3.42
CA GLY A 43 -4.21 -10.78 4.42
C GLY A 43 -3.10 -9.81 4.01
N LEU A 44 -2.76 -8.92 4.94
CA LEU A 44 -1.70 -7.93 4.78
C LEU A 44 -0.46 -8.43 5.52
N HIS A 45 0.66 -8.52 4.80
CA HIS A 45 1.87 -9.17 5.29
C HIS A 45 3.07 -8.21 5.31
N GLY A 46 3.86 -8.26 6.37
CA GLY A 46 5.16 -7.54 6.41
C GLY A 46 6.04 -7.95 5.22
N PHE A 47 6.66 -6.95 4.59
CA PHE A 47 7.35 -7.13 3.33
C PHE A 47 8.63 -6.29 3.44
N HIS A 48 9.76 -6.99 3.51
CA HIS A 48 11.04 -6.32 3.73
C HIS A 48 12.18 -6.93 2.92
N ILE A 49 13.18 -6.08 2.67
CA ILE A 49 14.46 -6.56 2.14
C ILE A 49 15.34 -6.87 3.33
N HIS A 50 15.84 -8.11 3.36
CA HIS A 50 16.73 -8.56 4.43
C HIS A 50 18.15 -8.58 3.88
N GLU A 51 19.10 -8.64 4.78
CA GLU A 51 20.50 -8.36 4.44
C GLU A 51 21.15 -9.40 3.55
N LYS A 52 21.01 -10.67 3.89
CA LYS A 52 21.78 -11.70 3.21
C LYS A 52 21.04 -12.28 2.01
N PRO A 53 21.77 -12.65 0.96
CA PRO A 53 21.18 -13.25 -0.22
C PRO A 53 20.91 -14.73 -0.05
N SER A 54 19.99 -15.00 0.87
CA SER A 54 19.69 -16.34 1.26
C SER A 54 18.27 -16.36 1.78
N CYS A 55 17.57 -17.44 1.48
CA CYS A 55 16.30 -17.73 2.06
C CYS A 55 16.35 -19.02 2.88
N GLU A 56 17.56 -19.47 3.25
CA GLU A 56 17.75 -20.74 3.92
C GLU A 56 17.32 -20.66 5.37
N PRO A 57 17.01 -21.80 5.97
CA PRO A 57 16.68 -21.82 7.39
C PRO A 57 17.94 -21.84 8.22
N LYS A 58 17.79 -21.61 9.52
CA LYS A 58 18.89 -21.77 10.50
C LYS A 58 18.28 -22.38 11.76
N GLU A 59 19.07 -23.18 12.48
CA GLU A 59 18.63 -23.64 13.77
C GLU A 59 18.78 -22.50 14.78
N LYS A 60 17.78 -22.30 15.64
CA LYS A 60 17.90 -21.39 16.77
C LYS A 60 17.10 -21.96 17.92
N ASP A 61 17.67 -21.86 19.13
CA ASP A 61 17.07 -22.44 20.35
C ASP A 61 16.47 -23.82 20.05
N GLY A 62 17.30 -24.68 19.44
CA GLY A 62 16.90 -26.04 19.13
C GLY A 62 15.96 -26.21 17.95
N LYS A 63 15.61 -25.12 17.26
CA LYS A 63 14.63 -25.18 16.17
C LYS A 63 15.22 -24.85 14.79
N LEU A 64 14.87 -25.63 13.77
CA LEU A 64 15.15 -25.28 12.37
C LEU A 64 14.07 -24.26 11.90
N VAL A 65 14.47 -23.00 11.78
CA VAL A 65 13.53 -21.88 11.63
C VAL A 65 13.61 -21.31 10.22
N ALA A 66 12.45 -21.25 9.56
CA ALA A 66 12.31 -20.82 8.18
C ALA A 66 12.92 -19.44 7.97
N GLY A 67 13.78 -19.31 6.95
CA GLY A 67 14.21 -18.02 6.48
C GLY A 67 15.26 -17.30 7.28
N LEU A 68 15.72 -17.88 8.39
CA LEU A 68 16.67 -17.15 9.25
C LEU A 68 18.02 -16.87 8.58
N GLY A 69 18.38 -17.70 7.59
CA GLY A 69 19.58 -17.46 6.80
C GLY A 69 19.66 -16.10 6.14
N ALA A 70 18.50 -15.44 5.97
CA ALA A 70 18.45 -14.13 5.38
C ALA A 70 19.00 -13.04 6.28
N GLY A 71 19.18 -13.32 7.58
CA GLY A 71 19.58 -12.30 8.52
C GLY A 71 18.47 -11.31 8.79
N GLY A 72 18.84 -10.15 9.32
CA GLY A 72 17.93 -9.13 9.70
C GLY A 72 17.57 -8.24 8.55
N HIS A 73 16.84 -7.19 8.86
CA HIS A 73 16.45 -6.20 7.86
C HIS A 73 17.68 -5.49 7.30
N TRP A 74 17.63 -5.21 6.01
CA TRP A 74 18.73 -4.61 5.32
C TRP A 74 18.84 -3.19 5.85
N ASP A 75 20.01 -2.83 6.38
CA ASP A 75 20.15 -1.60 7.15
C ASP A 75 21.55 -1.04 6.92
N PRO A 76 21.86 -0.69 5.67
CA PRO A 76 23.19 -0.17 5.30
C PRO A 76 23.53 1.14 6.00
N LYS A 77 22.52 1.95 6.30
CA LYS A 77 22.75 3.24 6.97
C LYS A 77 22.76 3.08 8.49
N GLN A 78 22.60 1.84 8.96
CA GLN A 78 22.70 1.47 10.37
C GLN A 78 21.83 2.31 11.30
N THR A 79 20.54 2.38 10.99
CA THR A 79 19.58 3.07 11.86
C THR A 79 19.20 2.26 13.09
N GLN A 80 19.32 0.94 13.00
CA GLN A 80 18.90 0.04 14.06
C GLN A 80 17.45 0.30 14.49
N LYS A 81 16.61 0.66 13.53
CA LYS A 81 15.23 0.96 13.82
C LYS A 81 14.35 0.49 12.66
N HIS A 82 13.36 -0.34 12.96
CA HIS A 82 12.34 -0.67 11.97
C HIS A 82 11.35 0.47 11.92
N GLY A 83 10.91 0.86 10.71
CA GLY A 83 10.04 2.00 10.61
C GLY A 83 9.27 2.09 9.32
N TYR A 84 8.88 3.29 8.91
CA TYR A 84 8.06 3.51 7.75
C TYR A 84 8.88 3.54 6.45
N PRO A 85 8.25 3.17 5.33
CA PRO A 85 9.02 3.21 4.05
C PRO A 85 9.49 4.59 3.66
N TRP A 86 8.84 5.60 4.18
CA TRP A 86 9.13 7.02 3.86
C TRP A 86 9.88 7.70 5.00
N SER A 87 10.40 6.94 5.94
CA SER A 87 11.16 7.52 7.07
C SER A 87 12.62 7.25 6.90
N ASP A 88 13.41 8.31 6.99
CA ASP A 88 14.85 8.18 6.93
C ASP A 88 15.48 7.63 8.22
N ASP A 89 14.67 7.41 9.26
CA ASP A 89 15.13 6.78 10.48
C ASP A 89 14.98 5.27 10.51
N ALA A 90 14.49 4.68 9.41
CA ALA A 90 14.10 3.30 9.34
C ALA A 90 15.04 2.49 8.46
N HIS A 91 15.04 1.15 8.61
CA HIS A 91 15.89 0.27 7.79
C HIS A 91 15.61 0.58 6.33
N MET A 92 16.64 0.61 5.50
CA MET A 92 16.46 0.81 4.06
C MET A 92 15.59 -0.30 3.46
N GLY A 93 15.59 -1.47 4.09
CA GLY A 93 14.76 -2.59 3.61
C GLY A 93 13.28 -2.52 3.93
N ASP A 94 12.84 -1.48 4.60
CA ASP A 94 11.43 -1.45 5.05
C ASP A 94 10.49 -0.99 3.91
N LEU A 95 9.66 -1.92 3.43
CA LEU A 95 8.75 -1.67 2.30
C LEU A 95 7.31 -1.59 2.80
N PRO A 96 6.41 -1.03 2.01
CA PRO A 96 4.96 -1.09 2.37
C PRO A 96 4.52 -2.55 2.47
N ALA A 97 3.58 -2.86 3.37
CA ALA A 97 3.07 -4.21 3.50
C ALA A 97 2.36 -4.68 2.23
N LEU A 98 2.39 -5.99 2.05
CA LEU A 98 1.90 -6.65 0.86
C LEU A 98 0.55 -7.31 1.06
N PHE A 99 -0.42 -7.02 0.19
CA PHE A 99 -1.77 -7.57 0.31
C PHE A 99 -2.00 -8.82 -0.54
N VAL A 100 -2.44 -9.88 0.11
CA VAL A 100 -2.78 -11.10 -0.57
C VAL A 100 -4.30 -11.23 -0.50
N MET A 101 -4.93 -11.37 -1.66
CA MET A 101 -6.40 -11.43 -1.80
C MET A 101 -6.96 -12.78 -1.32
N HIS A 102 -8.30 -12.87 -1.32
CA HIS A 102 -9.01 -14.04 -0.81
C HIS A 102 -8.56 -15.32 -1.49
N ASP A 103 -8.28 -15.23 -2.78
CA ASP A 103 -7.91 -16.40 -3.56
C ASP A 103 -6.42 -16.75 -3.44
N GLY A 104 -5.69 -16.01 -2.61
CA GLY A 104 -4.30 -16.33 -2.30
C GLY A 104 -3.31 -15.66 -3.24
N SER A 105 -3.80 -14.81 -4.14
CA SER A 105 -2.97 -14.09 -5.10
C SER A 105 -2.56 -12.73 -4.55
N ALA A 106 -1.38 -12.27 -5.01
CA ALA A 106 -0.92 -10.94 -4.65
C ALA A 106 -0.51 -10.26 -5.94
N THR A 107 -1.13 -9.14 -6.28
CA THR A 107 -0.86 -8.44 -7.51
C THR A 107 -0.84 -6.91 -7.30
N THR A 108 -0.82 -6.45 -6.03
CA THR A 108 -0.91 -5.02 -5.75
C THR A 108 0.50 -4.42 -5.61
N PRO A 109 0.85 -3.49 -6.51
CA PRO A 109 2.21 -2.91 -6.45
C PRO A 109 2.37 -1.96 -5.28
N VAL A 110 3.62 -1.84 -4.77
CA VAL A 110 3.96 -0.90 -3.72
C VAL A 110 5.25 -0.20 -3.99
N LEU A 111 5.36 1.03 -3.51
CA LEU A 111 6.52 1.89 -3.78
C LEU A 111 7.41 1.97 -2.55
N ALA A 112 8.72 1.91 -2.80
CA ALA A 112 9.76 2.14 -1.80
C ALA A 112 10.46 3.45 -2.17
N PRO A 113 10.03 4.59 -1.65
CA PRO A 113 10.53 5.88 -2.15
C PRO A 113 12.00 6.15 -1.85
N ARG A 114 12.55 5.45 -0.88
CA ARG A 114 13.97 5.66 -0.52
C ARG A 114 14.92 4.83 -1.36
N LEU A 115 14.43 3.91 -2.20
CA LEU A 115 15.25 3.11 -3.05
C LEU A 115 15.11 3.68 -4.47
N LYS A 116 16.22 3.93 -5.18
CA LYS A 116 16.13 4.68 -6.40
C LYS A 116 16.57 3.93 -7.66
N LYS A 117 17.40 2.91 -7.52
CA LYS A 117 17.98 2.22 -8.67
C LYS A 117 17.96 0.70 -8.53
N LEU A 118 17.68 -0.02 -9.62
CA LEU A 118 17.71 -1.49 -9.53
C LEU A 118 19.01 -2.12 -8.99
N ALA A 119 20.14 -1.53 -9.33
CA ALA A 119 21.42 -2.06 -8.87
C ALA A 119 21.48 -2.20 -7.35
N GLU A 120 20.86 -1.25 -6.66
CA GLU A 120 21.12 -1.12 -5.24
C GLU A 120 20.51 -2.22 -4.35
N VAL A 121 19.44 -2.87 -4.82
CA VAL A 121 18.84 -3.97 -4.07
C VAL A 121 19.37 -5.37 -4.35
N LYS A 122 20.26 -5.54 -5.33
CA LYS A 122 20.78 -6.87 -5.63
C LYS A 122 21.75 -7.36 -4.53
N GLY A 123 21.81 -8.67 -4.37
CA GLY A 123 22.57 -9.32 -3.32
C GLY A 123 21.92 -9.28 -1.96
N HIS A 124 20.58 -9.16 -1.98
CA HIS A 124 19.81 -9.18 -0.73
C HIS A 124 18.62 -10.09 -0.96
N SER A 125 17.81 -10.27 0.09
CA SER A 125 16.65 -11.16 0.02
C SER A 125 15.38 -10.34 0.23
N LEU A 126 14.32 -10.85 -0.38
CA LEU A 126 12.98 -10.23 -0.32
C LEU A 126 12.11 -11.15 0.50
N MET A 127 11.57 -10.63 1.62
CA MET A 127 10.88 -11.47 2.61
C MET A 127 9.42 -11.00 2.76
N ILE A 128 8.53 -11.99 2.81
CA ILE A 128 7.12 -11.83 3.13
C ILE A 128 6.83 -12.58 4.41
N HIS A 129 6.29 -11.87 5.40
CA HIS A 129 6.04 -12.45 6.70
C HIS A 129 4.58 -12.95 6.87
N ALA A 130 4.40 -13.80 7.87
CA ALA A 130 3.10 -14.32 8.19
C ALA A 130 2.21 -13.20 8.74
N GLY A 131 2.80 -12.35 9.57
CA GLY A 131 2.11 -11.23 10.21
C GLY A 131 2.18 -9.96 9.40
N GLY A 132 1.67 -8.87 9.95
CA GLY A 132 1.55 -7.58 9.23
C GLY A 132 2.78 -6.74 9.49
N ASP A 133 2.57 -5.42 9.49
CA ASP A 133 3.68 -4.53 9.75
C ASP A 133 3.14 -3.19 10.25
N ASN A 134 3.36 -2.90 11.53
CA ASN A 134 3.04 -1.55 12.06
C ASN A 134 4.17 -0.55 11.97
N HIS A 135 5.23 -0.91 11.25
CA HIS A 135 6.33 0.01 11.00
C HIS A 135 6.86 0.62 12.28
N SER A 136 6.95 -0.24 13.28
CA SER A 136 7.57 0.13 14.55
C SER A 136 8.11 -1.14 15.17
N ASP A 137 9.09 -0.98 16.06
CA ASP A 137 9.50 -2.07 16.93
C ASP A 137 8.65 -2.14 18.20
N HIS A 138 7.69 -1.23 18.34
CA HIS A 138 6.76 -1.35 19.46
C HIS A 138 5.39 -1.71 18.96
N PRO A 139 4.76 -2.71 19.58
CA PRO A 139 5.31 -3.50 20.69
C PRO A 139 6.04 -4.79 20.31
N ALA A 140 5.91 -5.21 19.05
CA ALA A 140 6.59 -6.37 18.56
C ALA A 140 7.75 -5.96 17.70
N PRO A 141 8.89 -6.64 17.84
CA PRO A 141 10.07 -6.37 17.02
C PRO A 141 9.75 -6.47 15.53
N LEU A 142 10.27 -5.51 14.77
CA LEU A 142 10.25 -5.63 13.31
C LEU A 142 8.81 -5.59 12.80
N GLY A 143 8.00 -4.73 13.42
CA GLY A 143 6.66 -4.49 13.01
C GLY A 143 5.63 -5.56 13.24
N GLY A 144 6.07 -6.64 13.90
CA GLY A 144 5.19 -7.80 14.18
C GLY A 144 4.97 -8.75 13.01
N GLY A 145 5.92 -8.73 12.08
CA GLY A 145 5.90 -9.67 10.98
C GLY A 145 5.93 -11.12 11.46
N GLY A 146 6.67 -11.38 12.54
CA GLY A 146 6.77 -12.76 13.02
C GLY A 146 7.41 -13.67 12.01
N PRO A 147 6.90 -14.90 11.89
CA PRO A 147 7.53 -15.88 11.03
C PRO A 147 7.70 -15.42 9.59
N ARG A 148 8.75 -15.98 8.99
CA ARG A 148 9.08 -15.76 7.61
C ARG A 148 8.36 -16.79 6.75
N MET A 149 7.41 -16.32 5.95
CA MET A 149 6.48 -17.17 5.22
C MET A 149 6.96 -17.48 3.81
N ALA A 150 7.45 -16.48 3.12
CA ALA A 150 7.92 -16.60 1.76
C ALA A 150 9.10 -15.67 1.51
N CYS A 151 9.94 -16.05 0.54
CA CYS A 151 11.19 -15.35 0.36
C CYS A 151 11.76 -15.64 -1.00
N GLY A 152 12.50 -14.68 -1.53
CA GLY A 152 13.31 -14.88 -2.74
C GLY A 152 14.56 -14.04 -2.72
N VAL A 153 15.61 -14.51 -3.39
CA VAL A 153 16.86 -13.77 -3.45
C VAL A 153 16.85 -12.81 -4.61
N ILE A 154 17.27 -11.57 -4.39
CA ILE A 154 17.35 -10.53 -5.41
C ILE A 154 18.74 -10.60 -6.06
N LYS A 155 18.74 -10.91 -7.36
CA LYS A 155 19.95 -11.12 -8.15
C LYS A 155 19.97 -10.17 -9.34
N GLU B 1 2.57 19.59 11.79
CA GLU B 1 1.44 20.10 10.93
C GLU B 1 0.74 18.94 10.22
N LYS B 2 -0.58 18.93 10.28
CA LYS B 2 -1.36 17.93 9.55
C LYS B 2 -2.73 18.46 9.10
N ILE B 3 -3.39 17.69 8.22
CA ILE B 3 -4.81 17.89 7.93
C ILE B 3 -5.54 16.66 8.48
N VAL B 4 -6.61 16.89 9.23
CA VAL B 4 -7.45 15.83 9.71
C VAL B 4 -8.72 15.89 8.83
N VAL B 5 -8.95 14.83 8.04
CA VAL B 5 -10.10 14.77 7.19
C VAL B 5 -11.17 13.87 7.82
N PRO B 6 -12.33 14.44 8.22
CA PRO B 6 -13.43 13.60 8.69
C PRO B 6 -14.03 12.83 7.51
N VAL B 7 -14.22 11.53 7.66
CA VAL B 7 -14.70 10.69 6.58
C VAL B 7 -16.10 10.16 6.94
N GLN B 8 -17.02 10.19 5.96
CA GLN B 8 -18.33 9.59 6.17
C GLN B 8 -18.65 8.52 5.14
N GLN B 9 -19.24 7.43 5.61
CA GLN B 9 -19.79 6.42 4.73
C GLN B 9 -21.02 6.99 4.08
N LEU B 10 -21.13 6.88 2.75
CA LEU B 10 -22.17 7.62 2.04
C LEU B 10 -23.42 6.79 1.88
N ASP B 11 -24.56 7.39 2.27
CA ASP B 11 -25.85 6.77 2.07
C ASP B 11 -26.87 7.90 1.85
N PRO B 12 -27.13 8.23 0.60
CA PRO B 12 -27.99 9.39 0.28
C PRO B 12 -29.45 9.28 0.76
N GLN B 13 -29.91 8.06 1.00
CA GLN B 13 -31.28 7.84 1.47
C GLN B 13 -31.35 7.82 3.00
N ASN B 14 -30.47 7.04 3.63
CA ASN B 14 -30.58 6.76 5.07
C ASN B 14 -29.66 7.59 5.96
N GLY B 15 -28.81 8.38 5.32
CA GLY B 15 -27.94 9.29 6.03
C GLY B 15 -26.51 8.77 6.02
N ASN B 16 -25.57 9.73 5.91
CA ASN B 16 -24.14 9.40 6.01
C ASN B 16 -23.67 9.14 7.43
N LYS B 17 -22.88 8.11 7.59
CA LYS B 17 -22.38 7.67 8.88
C LYS B 17 -20.94 8.14 9.04
N ASP B 18 -20.60 8.68 10.18
CA ASP B 18 -19.21 9.01 10.52
C ASP B 18 -18.45 7.70 10.72
N VAL B 19 -17.33 7.51 9.99
CA VAL B 19 -16.52 6.31 10.10
C VAL B 19 -15.04 6.63 10.45
N GLY B 20 -14.76 7.83 10.95
CA GLY B 20 -13.45 8.17 11.43
C GLY B 20 -12.79 9.28 10.63
N THR B 21 -11.46 9.22 10.59
CA THR B 21 -10.67 10.26 9.99
C THR B 21 -9.55 9.65 9.16
N VAL B 22 -9.06 10.48 8.26
CA VAL B 22 -7.74 10.23 7.64
C VAL B 22 -6.84 11.45 7.90
N GLU B 23 -5.66 11.21 8.46
CA GLU B 23 -4.69 12.28 8.75
C GLU B 23 -3.68 12.41 7.60
N ILE B 24 -3.56 13.61 7.05
CA ILE B 24 -2.54 13.84 6.00
C ILE B 24 -1.38 14.56 6.62
N THR B 25 -0.19 14.07 6.37
CA THR B 25 1.07 14.69 6.84
C THR B 25 2.06 14.79 5.70
N GLU B 26 3.08 15.64 5.90
CA GLU B 26 4.20 15.73 4.96
C GLU B 26 5.30 14.84 5.42
N SER B 27 5.85 14.06 4.48
CA SER B 27 7.05 13.31 4.72
C SER B 27 8.09 13.87 3.80
N ALA B 28 9.32 13.38 3.97
CA ALA B 28 10.40 13.79 3.07
C ALA B 28 10.22 13.30 1.64
N TYR B 29 9.27 12.39 1.41
CA TYR B 29 9.02 11.81 0.09
C TYR B 29 7.63 12.08 -0.51
N GLY B 30 6.82 12.90 0.18
CA GLY B 30 5.50 13.29 -0.24
C GLY B 30 4.47 13.07 0.86
N LEU B 31 3.22 13.28 0.47
CA LEU B 31 2.16 13.25 1.46
C LEU B 31 1.83 11.84 1.91
N VAL B 32 1.67 11.67 3.23
CA VAL B 32 1.29 10.40 3.83
C VAL B 32 -0.15 10.50 4.31
N PHE B 33 -0.96 9.52 3.92
CA PHE B 33 -2.39 9.44 4.31
C PHE B 33 -2.52 8.31 5.31
N THR B 34 -2.78 8.66 6.59
CA THR B 34 -2.89 7.69 7.67
C THR B 34 -4.35 7.56 8.09
N PRO B 35 -5.00 6.47 7.70
CA PRO B 35 -6.41 6.33 8.04
C PRO B 35 -6.60 5.92 9.47
N LYS B 36 -7.71 6.42 10.00
CA LYS B 36 -8.20 5.93 11.27
C LYS B 36 -9.70 5.69 11.15
N LEU B 37 -10.05 4.63 10.43
CA LEU B 37 -11.40 4.41 9.99
C LEU B 37 -11.90 3.10 10.56
N HIS B 38 -13.24 3.00 10.71
CA HIS B 38 -13.85 1.80 11.24
C HIS B 38 -15.18 1.54 10.53
N ASP B 39 -15.67 0.33 10.69
CA ASP B 39 -16.98 -0.11 10.15
C ASP B 39 -17.14 0.00 8.62
N LEU B 40 -16.03 -0.17 7.91
CA LEU B 40 -16.05 -0.26 6.45
C LEU B 40 -15.95 -1.69 5.95
N ALA B 41 -16.35 -1.89 4.70
CA ALA B 41 -16.28 -3.20 4.08
C ALA B 41 -14.83 -3.65 3.92
N HIS B 42 -14.55 -4.88 4.33
CA HIS B 42 -13.21 -5.45 4.24
C HIS B 42 -12.72 -5.52 2.80
N GLY B 43 -11.40 -5.35 2.62
CA GLY B 43 -10.76 -5.50 1.32
C GLY B 43 -10.01 -4.26 0.91
N LEU B 44 -9.57 -4.27 -0.34
CA LEU B 44 -8.74 -3.18 -0.87
C LEU B 44 -9.58 -2.28 -1.73
N HIS B 45 -9.55 -0.99 -1.41
CA HIS B 45 -10.45 -0.01 -1.99
C HIS B 45 -9.76 1.12 -2.79
N GLY B 46 -10.29 1.49 -3.94
CA GLY B 46 -9.76 2.64 -4.63
C GLY B 46 -9.85 3.89 -3.77
N PHE B 47 -8.83 4.71 -3.80
CA PHE B 47 -8.62 5.83 -2.88
C PHE B 47 -8.04 6.92 -3.73
N HIS B 48 -8.79 8.00 -3.94
CA HIS B 48 -8.39 9.09 -4.79
C HIS B 48 -8.84 10.42 -4.24
N ILE B 49 -8.09 11.46 -4.62
CA ILE B 49 -8.54 12.82 -4.47
C ILE B 49 -9.40 13.16 -5.65
N HIS B 50 -10.62 13.63 -5.38
CA HIS B 50 -11.51 14.12 -6.42
C HIS B 50 -11.51 15.64 -6.44
N GLU B 51 -12.01 16.18 -7.55
CA GLU B 51 -11.87 17.62 -7.85
C GLU B 51 -12.58 18.55 -6.88
N LYS B 52 -13.84 18.28 -6.54
CA LYS B 52 -14.67 19.27 -5.81
C LYS B 52 -14.64 19.04 -4.30
N PRO B 53 -14.66 20.12 -3.51
CA PRO B 53 -14.72 20.03 -2.06
C PRO B 53 -16.14 19.72 -1.56
N SER B 54 -16.64 18.56 -1.99
CA SER B 54 -17.96 18.10 -1.65
C SER B 54 -18.00 16.58 -1.64
N CYS B 55 -18.79 16.03 -0.73
CA CYS B 55 -19.10 14.61 -0.67
C CYS B 55 -20.59 14.38 -0.89
N GLU B 56 -21.25 15.41 -1.42
CA GLU B 56 -22.69 15.38 -1.57
C GLU B 56 -23.07 14.52 -2.73
N PRO B 57 -24.27 13.93 -2.66
CA PRO B 57 -24.78 13.15 -3.75
C PRO B 57 -25.27 14.08 -4.86
N LYS B 58 -25.44 13.55 -6.05
CA LYS B 58 -25.93 14.38 -7.13
C LYS B 58 -26.85 13.52 -7.94
N GLU B 59 -27.99 14.11 -8.32
CA GLU B 59 -28.93 13.42 -9.16
C GLU B 59 -28.35 13.17 -10.54
N LYS B 60 -28.63 11.98 -11.03
CA LYS B 60 -28.31 11.61 -12.41
C LYS B 60 -29.38 10.63 -12.87
N ASP B 61 -29.94 10.87 -14.06
CA ASP B 61 -31.05 10.06 -14.60
C ASP B 61 -32.14 9.71 -13.57
N GLY B 62 -32.47 10.68 -12.71
CA GLY B 62 -33.63 10.58 -11.82
C GLY B 62 -33.38 9.96 -10.47
N LYS B 63 -32.11 9.61 -10.21
CA LYS B 63 -31.73 8.98 -8.95
C LYS B 63 -30.49 9.70 -8.40
N LEU B 64 -30.44 9.81 -7.07
CA LEU B 64 -29.28 10.38 -6.37
C LEU B 64 -28.13 9.42 -6.45
N VAL B 65 -26.98 9.90 -6.89
CA VAL B 65 -25.78 9.07 -6.93
C VAL B 65 -24.87 9.48 -5.79
N ALA B 66 -24.57 8.52 -4.91
CA ALA B 66 -23.65 8.73 -3.76
C ALA B 66 -22.34 9.36 -4.22
N GLY B 67 -21.97 10.47 -3.59
CA GLY B 67 -20.65 11.09 -3.78
C GLY B 67 -20.41 11.83 -5.08
N LEU B 68 -21.42 11.89 -5.96
CA LEU B 68 -21.23 12.43 -7.28
C LEU B 68 -20.95 13.93 -7.27
N GLY B 69 -21.33 14.63 -6.19
CA GLY B 69 -20.99 16.02 -6.06
C GLY B 69 -19.49 16.30 -5.99
N ALA B 70 -18.68 15.26 -5.68
CA ALA B 70 -17.21 15.39 -5.69
C ALA B 70 -16.60 15.59 -7.08
N GLY B 71 -17.38 15.26 -8.13
CA GLY B 71 -16.86 15.32 -9.47
C GLY B 71 -15.86 14.22 -9.71
N GLY B 72 -15.05 14.42 -10.74
CA GLY B 72 -14.10 13.39 -11.18
C GLY B 72 -12.82 13.37 -10.38
N HIS B 73 -11.91 12.49 -10.81
CA HIS B 73 -10.60 12.44 -10.18
C HIS B 73 -9.88 13.77 -10.37
N TRP B 74 -9.20 14.24 -9.33
CA TRP B 74 -8.50 15.53 -9.38
C TRP B 74 -7.37 15.42 -10.40
N ASP B 75 -7.42 16.27 -11.43
CA ASP B 75 -6.55 16.14 -12.61
C ASP B 75 -6.18 17.53 -13.13
N PRO B 76 -5.43 18.28 -12.34
CA PRO B 76 -5.13 19.68 -12.70
C PRO B 76 -4.41 19.77 -14.04
N LYS B 77 -3.59 18.77 -14.37
CA LYS B 77 -2.83 18.78 -15.63
C LYS B 77 -3.61 18.21 -16.80
N GLN B 78 -4.82 17.73 -16.56
CA GLN B 78 -5.67 17.24 -17.61
C GLN B 78 -4.99 16.12 -18.41
N THR B 79 -4.37 15.19 -17.68
CA THR B 79 -3.82 14.00 -18.31
C THR B 79 -4.94 13.18 -18.91
N GLN B 80 -6.11 13.20 -18.27
CA GLN B 80 -7.25 12.38 -18.67
C GLN B 80 -6.94 10.89 -18.65
N LYS B 81 -6.10 10.49 -17.70
CA LYS B 81 -5.66 9.11 -17.61
C LYS B 81 -5.58 8.71 -16.13
N HIS B 82 -6.32 7.67 -15.78
CA HIS B 82 -6.17 7.09 -14.44
C HIS B 82 -4.92 6.19 -14.42
N GLY B 83 -4.06 6.36 -13.38
CA GLY B 83 -2.83 5.58 -13.38
C GLY B 83 -2.27 5.33 -11.99
N TYR B 84 -0.95 5.15 -11.93
CA TYR B 84 -0.30 4.82 -10.70
C TYR B 84 0.02 6.03 -9.87
N PRO B 85 0.17 5.86 -8.55
CA PRO B 85 0.54 7.02 -7.73
C PRO B 85 1.92 7.58 -8.07
N TRP B 86 2.76 6.77 -8.70
CA TRP B 86 4.15 7.11 -9.02
C TRP B 86 4.33 7.43 -10.51
N SER B 87 3.24 7.66 -11.23
CA SER B 87 3.32 7.98 -12.66
C SER B 87 2.92 9.42 -12.90
N ASP B 88 3.81 10.15 -13.58
CA ASP B 88 3.51 11.52 -13.90
C ASP B 88 2.47 11.68 -15.00
N ASP B 89 2.06 10.61 -15.68
CA ASP B 89 1.03 10.73 -16.73
C ASP B 89 -0.39 10.44 -16.24
N ALA B 90 -0.54 10.40 -14.93
CA ALA B 90 -1.81 10.00 -14.32
C ALA B 90 -2.43 11.15 -13.55
N HIS B 91 -3.71 11.04 -13.25
CA HIS B 91 -4.36 12.04 -12.42
C HIS B 91 -3.54 12.35 -11.18
N MET B 92 -3.39 13.62 -10.84
CA MET B 92 -2.62 14.03 -9.66
C MET B 92 -3.26 13.42 -8.37
N GLY B 93 -4.57 13.15 -8.43
CA GLY B 93 -5.26 12.64 -7.25
C GLY B 93 -5.22 11.13 -7.02
N ASP B 94 -4.47 10.40 -7.84
CA ASP B 94 -4.40 8.92 -7.75
C ASP B 94 -3.53 8.49 -6.64
N LEU B 95 -4.14 7.90 -5.58
CA LEU B 95 -3.41 7.46 -4.42
C LEU B 95 -3.32 5.94 -4.37
N PRO B 96 -2.40 5.39 -3.57
CA PRO B 96 -2.37 3.94 -3.37
C PRO B 96 -3.71 3.47 -2.78
N ALA B 97 -4.11 2.26 -3.11
CA ALA B 97 -5.38 1.75 -2.58
C ALA B 97 -5.36 1.51 -1.08
N LEU B 98 -6.56 1.63 -0.48
CA LEU B 98 -6.75 1.61 0.96
C LEU B 98 -7.20 0.26 1.46
N PHE B 99 -6.49 -0.30 2.43
CA PHE B 99 -6.84 -1.62 2.95
C PHE B 99 -7.67 -1.57 4.22
N VAL B 100 -8.82 -2.24 4.16
CA VAL B 100 -9.71 -2.42 5.32
C VAL B 100 -9.62 -3.87 5.79
N MET B 101 -9.29 -4.04 7.04
CA MET B 101 -9.19 -5.38 7.64
C MET B 101 -10.58 -6.00 7.86
N HIS B 102 -10.58 -7.28 8.23
CA HIS B 102 -11.80 -8.02 8.43
C HIS B 102 -12.72 -7.41 9.48
N ASP B 103 -12.16 -6.80 10.52
CA ASP B 103 -12.93 -6.11 11.57
C ASP B 103 -13.49 -4.75 11.16
N GLY B 104 -13.29 -4.37 9.89
CA GLY B 104 -13.78 -3.13 9.35
C GLY B 104 -12.91 -1.89 9.54
N SER B 105 -11.73 -2.07 10.14
CA SER B 105 -10.85 -0.96 10.44
C SER B 105 -9.90 -0.72 9.28
N ALA B 106 -9.54 0.53 9.08
CA ALA B 106 -8.48 0.89 8.11
C ALA B 106 -7.50 1.76 8.88
N THR B 107 -6.26 1.27 9.02
CA THR B 107 -5.22 1.97 9.77
C THR B 107 -3.85 1.86 9.07
N THR B 108 -3.85 1.42 7.83
CA THR B 108 -2.60 1.25 7.05
C THR B 108 -2.27 2.53 6.27
N PRO B 109 -1.17 3.19 6.60
CA PRO B 109 -0.86 4.43 5.95
C PRO B 109 -0.30 4.19 4.53
N VAL B 110 -0.51 5.18 3.67
CA VAL B 110 -0.04 5.12 2.27
C VAL B 110 0.61 6.46 1.87
N LEU B 111 1.55 6.38 0.95
CA LEU B 111 2.30 7.55 0.49
C LEU B 111 1.87 7.95 -0.94
N ALA B 112 1.65 9.24 -1.16
CA ALA B 112 1.40 9.83 -2.48
C ALA B 112 2.62 10.68 -2.85
N PRO B 113 3.60 10.06 -3.54
CA PRO B 113 4.92 10.76 -3.74
C PRO B 113 4.85 11.96 -4.66
N ARG B 114 3.83 12.06 -5.50
CA ARG B 114 3.66 13.19 -6.42
C ARG B 114 3.11 14.39 -5.70
N LEU B 115 2.54 14.21 -4.53
CA LEU B 115 2.03 15.29 -3.73
C LEU B 115 3.00 15.68 -2.67
N LYS B 116 3.34 16.98 -2.62
CA LYS B 116 4.48 17.41 -1.84
C LYS B 116 4.16 18.30 -0.61
N LYS B 117 3.14 19.14 -0.73
CA LYS B 117 2.77 20.04 0.38
C LYS B 117 1.28 19.98 0.67
N LEU B 118 0.95 20.07 1.95
CA LEU B 118 -0.46 20.01 2.40
C LEU B 118 -1.35 21.01 1.64
N ALA B 119 -0.83 22.18 1.32
CA ALA B 119 -1.61 23.16 0.55
C ALA B 119 -2.16 22.65 -0.77
N GLU B 120 -1.46 21.70 -1.39
CA GLU B 120 -1.86 21.22 -2.68
C GLU B 120 -3.22 20.54 -2.70
N VAL B 121 -3.57 19.88 -1.59
CA VAL B 121 -4.74 19.02 -1.59
C VAL B 121 -5.94 19.67 -0.92
N LYS B 122 -5.71 20.84 -0.33
CA LYS B 122 -6.82 21.57 0.26
C LYS B 122 -7.79 22.06 -0.87
N GLY B 123 -9.08 22.06 -0.58
CA GLY B 123 -10.08 22.45 -1.58
C GLY B 123 -10.55 21.35 -2.50
N HIS B 124 -10.34 20.12 -2.03
CA HIS B 124 -10.68 18.91 -2.78
C HIS B 124 -11.35 17.92 -1.85
N SER B 125 -11.70 16.75 -2.38
CA SER B 125 -12.32 15.68 -1.60
C SER B 125 -11.47 14.42 -1.65
N LEU B 126 -11.63 13.61 -0.60
CA LEU B 126 -10.91 12.33 -0.47
C LEU B 126 -11.91 11.22 -0.57
N MET B 127 -11.82 10.37 -1.59
CA MET B 127 -12.82 9.37 -1.88
C MET B 127 -12.33 7.95 -1.68
N ILE B 128 -13.18 7.10 -1.09
CA ILE B 128 -12.94 5.67 -0.96
C ILE B 128 -14.02 4.94 -1.71
N HIS B 129 -13.64 4.08 -2.66
CA HIS B 129 -14.60 3.38 -3.49
C HIS B 129 -14.94 1.99 -2.97
N ALA B 130 -16.03 1.44 -3.49
CA ALA B 130 -16.40 0.07 -3.17
C ALA B 130 -15.42 -0.96 -3.72
N GLY B 131 -15.04 -0.74 -4.98
CA GLY B 131 -14.10 -1.59 -5.72
C GLY B 131 -12.66 -1.24 -5.40
N GLY B 132 -11.78 -1.98 -6.05
CA GLY B 132 -10.35 -1.78 -5.91
C GLY B 132 -9.77 -0.74 -6.85
N ASP B 133 -8.48 -0.92 -7.19
CA ASP B 133 -7.82 0.01 -8.11
C ASP B 133 -6.65 -0.68 -8.77
N ASN B 134 -6.76 -1.01 -10.05
CA ASN B 134 -5.59 -1.54 -10.76
C ASN B 134 -4.76 -0.47 -11.47
N HIS B 135 -4.98 0.79 -11.11
CA HIS B 135 -4.21 1.89 -11.62
C HIS B 135 -4.18 1.96 -13.12
N SER B 136 -5.30 1.61 -13.74
CA SER B 136 -5.48 1.80 -15.20
C SER B 136 -6.96 2.06 -15.48
N ASP B 137 -7.23 2.61 -16.67
CA ASP B 137 -8.58 2.65 -17.22
C ASP B 137 -8.88 1.39 -18.02
N HIS B 138 -7.95 0.43 -18.07
CA HIS B 138 -8.17 -0.89 -18.67
C HIS B 138 -8.14 -2.03 -17.64
N PRO B 139 -9.07 -2.97 -17.57
CA PRO B 139 -10.25 -3.03 -18.45
C PRO B 139 -11.43 -2.16 -18.01
N ALA B 140 -11.45 -1.71 -16.75
CA ALA B 140 -12.53 -0.90 -16.19
C ALA B 140 -12.07 0.57 -16.05
N PRO B 141 -12.94 1.52 -16.32
CA PRO B 141 -12.63 2.89 -16.09
C PRO B 141 -12.15 3.16 -14.65
N LEU B 142 -11.22 4.09 -14.51
CA LEU B 142 -10.84 4.63 -13.20
C LEU B 142 -10.44 3.52 -12.23
N GLY B 143 -9.68 2.53 -12.75
CA GLY B 143 -9.19 1.42 -11.95
C GLY B 143 -10.14 0.38 -11.45
N GLY B 144 -11.41 0.45 -11.88
CA GLY B 144 -12.43 -0.41 -11.35
C GLY B 144 -13.00 -0.11 -9.98
N GLY B 145 -12.79 1.12 -9.52
CA GLY B 145 -13.25 1.49 -8.18
C GLY B 145 -14.77 1.47 -8.07
N GLY B 146 -15.44 1.80 -9.15
CA GLY B 146 -16.91 1.75 -9.13
C GLY B 146 -17.51 2.74 -8.14
N PRO B 147 -18.58 2.34 -7.47
CA PRO B 147 -19.31 3.24 -6.57
C PRO B 147 -18.45 3.95 -5.52
N ARG B 148 -18.92 5.12 -5.11
CA ARG B 148 -18.30 5.91 -4.06
C ARG B 148 -18.83 5.52 -2.70
N MET B 149 -17.97 4.96 -1.86
CA MET B 149 -18.39 4.31 -0.66
C MET B 149 -18.27 5.20 0.56
N ALA B 150 -17.19 5.95 0.65
CA ALA B 150 -16.96 6.90 1.76
C ALA B 150 -16.18 8.08 1.22
N CYS B 151 -16.29 9.22 1.90
CA CYS B 151 -15.74 10.46 1.41
C CYS B 151 -15.53 11.47 2.55
N GLY B 152 -14.51 12.30 2.41
CA GLY B 152 -14.32 13.47 3.25
C GLY B 152 -13.82 14.67 2.49
N VAL B 153 -14.16 15.86 2.94
CA VAL B 153 -13.69 17.07 2.32
C VAL B 153 -12.35 17.52 2.94
N ILE B 154 -11.37 17.83 2.09
CA ILE B 154 -10.04 18.26 2.54
C ILE B 154 -10.01 19.81 2.61
N LYS B 155 -9.88 20.32 3.83
CA LYS B 155 -9.92 21.75 4.17
C LYS B 155 -8.64 22.17 4.87
#